data_3N9P
#
_entry.id   3N9P
#
_cell.length_a   60.112
_cell.length_b   86.368
_cell.length_c   62.744
_cell.angle_alpha   90.00
_cell.angle_beta   113.18
_cell.angle_gamma   90.00
#
_symmetry.space_group_name_H-M   'P 1 21 1'
#
loop_
_entity.id
_entity.type
_entity.pdbx_description
1 polymer 'Putative uncharacterized protein'
2 polymer 'Histone H3 peptide'
3 non-polymer 'FE (II) ION'
4 non-polymer 'ZINC ION'
5 non-polymer N-OXALYLGLYCINE
6 water water
#
loop_
_entity_poly.entity_id
_entity_poly.type
_entity_poly.pdbx_seq_one_letter_code
_entity_poly.pdbx_strand_id
1 'polypeptide(L)'
;EFHMEQKTPKESDRCGGCGKFTHEDDLIALEEEKKKEKEKPLMSKKKSHHHKKNDFQWIGCDSCQTWYHFLCSGLEQFEY
YLYEKFFCPKCVPHTGHSIRYKVVAPHRYRWYSPNEKHLGIEVGSKTWIEDFITRENTVPSPTDDEVCIVEDGYEFRREF
EKLGGADNWGKVFMVKDMDGLNMTMPKPGFDLEDVVKIMGSDYEVDTIDVYNQSTYSMKLDTFRKLFRDTKNRPLLYNFL
SLEFSDNNEMKEIAKPPRFVQEISMVNRLWPDVSGAEYIKLLQREEYLPEDQRPKVEQFCLAGMAGSYTDFHVDFGGSSV
YYHILKGEKIFYIAAPTEQNFAAYQAHETSPDTTTWFGDIANGAVKRVVIKEGQTLLIPAGWIHAVLTPVDSLVFGGNFL
HLGNLEMQMRVYHLENAIRKEIRSEEKFYFPNFELLHWMYMRNVLLEKITEANQEGSDMREQEKNIWTASQIMKAEMERW
MDRELRLGPEKNAILPTDDKNKIMISVRKQIEIQTKIQNAKNKPMGLK
;
A
2 'polypeptide(L)' ART(M3L)QTARKSTGGKAPRKQLATKAAR(MLY)SAPAS B,C
#
loop_
_chem_comp.id
_chem_comp.type
_chem_comp.name
_chem_comp.formula
FE2 non-polymer 'FE (II) ION' 'Fe 2'
OGA non-polymer N-OXALYLGLYCINE 'C4 H5 N O5'
ZN non-polymer 'ZINC ION' 'Zn 2'
#
# COMPACT_ATOMS: atom_id res chain seq x y z
N PRO A 9 34.70 -4.42 25.65
CA PRO A 9 34.69 -3.11 24.96
C PRO A 9 34.57 -1.99 25.98
N LYS A 10 34.36 -0.76 25.53
CA LYS A 10 34.28 0.35 26.49
C LYS A 10 32.88 0.48 27.12
N GLU A 11 32.88 0.81 28.41
CA GLU A 11 31.65 0.88 29.19
C GLU A 11 30.78 2.08 28.83
N SER A 12 31.33 3.07 28.16
CA SER A 12 30.53 4.22 27.74
C SER A 12 29.71 3.85 26.50
N ASP A 13 30.06 2.72 25.90
CA ASP A 13 29.36 2.22 24.71
C ASP A 13 28.44 1.07 25.11
N ARG A 14 27.96 1.11 26.35
CA ARG A 14 27.00 0.12 26.83
C ARG A 14 25.68 0.82 27.09
N CYS A 15 24.60 0.24 26.59
CA CYS A 15 23.25 0.67 26.95
C CYS A 15 23.09 0.31 28.42
N GLY A 16 22.27 1.02 29.17
CA GLY A 16 21.40 2.05 28.66
C GLY A 16 20.32 2.27 29.70
N GLY A 17 19.33 1.38 29.80
CA GLY A 17 19.32 0.08 29.14
C GLY A 17 18.32 -0.76 29.91
N CYS A 18 18.22 -2.06 29.68
CA CYS A 18 19.05 -2.90 28.81
C CYS A 18 20.54 -3.20 29.08
N GLY A 19 21.20 -2.37 29.87
CA GLY A 19 22.55 -2.67 30.30
C GLY A 19 23.38 -3.67 29.52
N LYS A 20 23.24 -3.66 28.20
CA LYS A 20 24.00 -4.56 27.34
C LYS A 20 24.72 -3.78 26.24
N PHE A 21 25.73 -4.41 25.64
CA PHE A 21 26.49 -3.78 24.56
C PHE A 21 25.75 -3.92 23.23
N THR A 22 25.09 -5.06 23.07
CA THR A 22 24.41 -5.39 21.83
C THR A 22 22.95 -5.72 22.10
N HIS A 23 22.04 -5.01 21.43
CA HIS A 23 20.61 -5.27 21.59
C HIS A 23 20.22 -6.56 20.89
N GLU A 24 19.77 -7.54 21.68
CA GLU A 24 19.38 -8.86 21.18
C GLU A 24 19.28 -8.99 19.65
N ASP A 25 18.32 -8.26 19.09
CA ASP A 25 18.09 -8.23 17.66
C ASP A 25 19.41 -8.10 16.91
N LYS A 52 9.60 -1.90 16.57
CA LYS A 52 9.87 -3.07 15.73
C LYS A 52 11.34 -3.48 15.85
N LYS A 53 12.11 -3.27 14.78
CA LYS A 53 13.54 -3.57 14.81
C LYS A 53 14.31 -2.39 15.41
N ASN A 54 15.18 -2.67 16.36
CA ASN A 54 16.07 -1.64 16.88
C ASN A 54 17.08 -1.25 15.81
N ASP A 55 17.33 -2.17 14.89
CA ASP A 55 18.49 -2.06 14.01
C ASP A 55 19.66 -2.01 14.96
N PHE A 56 20.86 -1.86 14.44
CA PHE A 56 22.00 -1.59 15.31
C PHE A 56 22.07 -0.08 15.49
N GLN A 57 21.03 0.44 16.14
CA GLN A 57 20.84 1.88 16.20
C GLN A 57 20.79 2.39 17.65
N TRP A 58 21.41 3.55 17.87
CA TRP A 58 21.58 4.10 19.20
C TRP A 58 21.20 5.57 19.24
N ILE A 59 21.12 6.12 20.44
CA ILE A 59 20.93 7.56 20.62
C ILE A 59 21.50 8.00 21.97
N GLY A 60 22.23 9.11 21.97
CA GLY A 60 22.92 9.58 23.16
C GLY A 60 22.19 10.68 23.91
N CYS A 61 22.18 10.60 25.23
CA CYS A 61 21.57 11.63 26.07
C CYS A 61 22.43 12.88 26.11
N ASP A 62 21.83 14.02 25.77
CA ASP A 62 22.53 15.29 25.77
C ASP A 62 22.55 15.92 27.17
N SER A 63 22.53 15.07 28.19
CA SER A 63 22.57 15.52 29.59
C SER A 63 23.44 14.57 30.42
N CYS A 64 23.00 13.33 30.56
CA CYS A 64 23.76 12.31 31.27
C CYS A 64 24.77 11.65 30.33
N GLN A 65 24.70 12.03 29.06
CA GLN A 65 25.72 11.67 28.07
C GLN A 65 25.91 10.16 27.85
N THR A 66 24.96 9.35 28.31
CA THR A 66 25.05 7.90 28.12
C THR A 66 24.35 7.46 26.83
N TRP A 67 24.79 6.35 26.25
CA TRP A 67 24.17 5.81 25.04
C TRP A 67 23.04 4.82 25.31
N TYR A 68 21.95 4.96 24.58
CA TYR A 68 20.83 4.03 24.66
C TYR A 68 20.59 3.35 23.31
N HIS A 69 20.15 2.11 23.37
CA HIS A 69 19.59 1.48 22.19
C HIS A 69 18.32 2.27 21.89
N PHE A 70 18.01 2.42 20.61
CA PHE A 70 16.83 3.19 20.22
C PHE A 70 15.59 2.69 20.93
N LEU A 71 15.45 1.38 20.98
CA LEU A 71 14.30 0.75 21.62
C LEU A 71 14.39 0.76 23.16
N CYS A 72 15.55 1.12 23.70
CA CYS A 72 15.69 1.27 25.14
C CYS A 72 15.64 2.74 25.53
N SER A 73 15.52 3.61 24.52
CA SER A 73 15.51 5.05 24.72
C SER A 73 14.15 5.52 25.24
N GLY A 74 13.13 4.71 24.99
CA GLY A 74 11.77 5.12 25.29
C GLY A 74 11.07 5.81 24.14
N LEU A 75 11.85 6.24 23.14
CA LEU A 75 11.30 6.95 21.98
C LEU A 75 10.69 5.99 20.97
N GLU A 76 9.67 6.48 20.25
CA GLU A 76 9.10 5.76 19.11
C GLU A 76 9.74 6.32 17.85
N GLN A 77 9.80 5.49 16.80
CA GLN A 77 10.56 5.84 15.61
C GLN A 77 10.27 7.23 15.09
N PHE A 78 9.00 7.63 15.12
CA PHE A 78 8.62 8.93 14.58
C PHE A 78 9.26 10.08 15.35
N GLU A 79 9.90 9.76 16.47
CA GLU A 79 10.47 10.79 17.32
C GLU A 79 11.96 10.99 17.13
N TYR A 80 12.57 10.10 16.36
CA TYR A 80 14.03 10.04 16.28
C TYR A 80 14.65 11.31 15.72
N TYR A 81 13.87 12.08 14.97
CA TYR A 81 14.45 13.22 14.28
C TYR A 81 13.90 14.54 14.82
N LEU A 82 13.03 14.44 15.82
CA LEU A 82 12.27 15.59 16.30
C LEU A 82 13.03 16.46 17.30
N TYR A 83 13.92 15.85 18.06
CA TYR A 83 14.50 16.54 19.21
C TYR A 83 15.91 17.04 18.95
N GLU A 84 16.12 18.32 19.18
CA GLU A 84 17.46 18.87 19.23
C GLU A 84 18.11 18.37 20.53
N LYS A 85 17.32 18.39 21.61
CA LYS A 85 17.76 17.95 22.93
C LYS A 85 17.03 16.70 23.43
N PHE A 86 17.79 15.77 23.99
CA PHE A 86 17.29 14.55 24.60
C PHE A 86 18.39 14.06 25.51
N PHE A 87 18.19 13.85 26.83
CA PHE A 87 16.97 13.99 27.65
C PHE A 87 16.27 12.67 27.98
N CYS A 88 17.08 11.71 28.44
CA CYS A 88 16.62 10.34 28.70
C CYS A 88 15.66 10.27 29.89
N PRO A 89 15.15 9.06 30.18
CA PRO A 89 14.29 8.83 31.35
C PRO A 89 14.95 9.20 32.69
N LYS A 90 16.23 8.88 32.84
CA LYS A 90 16.98 9.16 34.06
C LYS A 90 17.27 10.65 34.25
N CYS A 91 16.74 11.49 33.36
CA CYS A 91 17.08 12.92 33.38
C CYS A 91 15.87 13.85 33.34
N VAL A 92 14.76 13.38 32.78
CA VAL A 92 13.60 14.24 32.51
C VAL A 92 12.95 14.90 33.74
N PRO A 93 12.72 14.12 34.82
CA PRO A 93 12.11 14.76 36.00
C PRO A 93 12.94 15.91 36.56
N HIS A 94 14.17 16.06 36.08
CA HIS A 94 15.03 17.14 36.53
C HIS A 94 15.71 17.90 35.38
N THR A 95 15.36 17.55 34.15
CA THR A 95 15.89 18.23 32.96
C THR A 95 14.77 18.80 32.09
N GLY A 96 13.56 18.30 32.29
CA GLY A 96 12.43 18.70 31.48
C GLY A 96 12.25 17.74 30.32
N HIS A 97 11.07 17.77 29.69
CA HIS A 97 10.81 16.93 28.54
C HIS A 97 11.69 17.37 27.38
N SER A 98 12.09 16.41 26.55
CA SER A 98 13.01 16.68 25.45
C SER A 98 12.64 17.94 24.69
N ILE A 99 13.65 18.70 24.30
CA ILE A 99 13.43 19.92 23.54
C ILE A 99 13.52 19.66 22.04
N ARG A 100 12.40 19.85 21.36
CA ARG A 100 12.32 19.54 19.93
C ARG A 100 12.78 20.73 19.10
N TYR A 101 13.25 20.42 17.90
CA TYR A 101 13.79 21.45 17.01
C TYR A 101 12.78 22.56 16.79
N LYS A 102 13.29 23.72 16.39
CA LYS A 102 12.43 24.84 16.06
C LYS A 102 11.99 24.74 14.60
N VAL A 103 10.69 24.91 14.37
CA VAL A 103 10.14 24.94 13.02
C VAL A 103 10.69 26.14 12.25
N VAL A 104 11.89 25.95 11.73
CA VAL A 104 12.65 27.00 11.06
C VAL A 104 12.23 27.19 9.59
N ALA A 105 11.78 26.11 8.93
CA ALA A 105 11.37 26.19 7.52
C ALA A 105 10.18 25.29 7.18
N PRO A 106 8.96 25.78 7.43
CA PRO A 106 7.72 24.99 7.32
C PRO A 106 7.32 24.65 5.88
N HIS A 107 8.15 25.02 4.91
CA HIS A 107 7.87 24.75 3.50
C HIS A 107 8.87 23.72 2.98
N ARG A 108 9.66 23.19 3.90
CA ARG A 108 10.62 22.13 3.58
C ARG A 108 10.26 20.90 4.39
N TYR A 109 10.67 19.73 3.91
CA TYR A 109 10.44 18.51 4.67
C TYR A 109 11.31 18.53 5.91
N ARG A 110 12.51 19.04 5.75
CA ARG A 110 13.40 19.26 6.86
C ARG A 110 13.14 20.65 7.46
N TRP A 111 11.95 20.81 8.04
CA TRP A 111 11.48 22.10 8.56
C TRP A 111 12.37 22.61 9.69
N TYR A 112 13.11 21.68 10.29
CA TYR A 112 13.97 21.94 11.43
C TYR A 112 15.34 22.44 10.97
N SER A 113 15.55 22.54 9.67
CA SER A 113 16.88 22.81 9.16
C SER A 113 17.00 24.21 8.60
N PRO A 114 17.89 25.01 9.21
CA PRO A 114 18.09 26.42 8.87
C PRO A 114 18.71 26.58 7.50
N ASN A 115 19.56 25.62 7.10
CA ASN A 115 20.26 25.70 5.83
C ASN A 115 19.33 25.42 4.67
N GLU A 116 18.02 25.42 4.95
CA GLU A 116 17.03 25.14 3.92
C GLU A 116 15.96 26.21 3.88
N LYS A 117 16.06 27.21 4.76
CA LYS A 117 15.15 28.35 4.80
C LYS A 117 14.93 29.00 3.43
N HIS A 118 15.99 29.02 2.62
CA HIS A 118 15.96 29.78 1.35
C HIS A 118 15.51 28.95 0.14
N LEU A 119 15.38 27.64 0.33
CA LEU A 119 15.00 26.76 -0.76
C LEU A 119 13.52 26.85 -1.05
N GLY A 120 13.09 26.31 -2.19
CA GLY A 120 11.70 26.38 -2.60
C GLY A 120 10.68 25.68 -1.69
N ILE A 121 9.40 25.90 -2.00
CA ILE A 121 8.30 25.27 -1.28
C ILE A 121 8.01 23.87 -1.81
N GLU A 122 8.12 22.87 -0.93
CA GLU A 122 7.97 21.47 -1.33
C GLU A 122 6.53 20.97 -1.20
N VAL A 123 6.11 20.16 -2.16
CA VAL A 123 4.88 19.41 -2.11
C VAL A 123 5.05 18.26 -1.10
N GLY A 124 4.12 18.00 -0.20
CA GLY A 124 3.20 18.95 0.37
C GLY A 124 3.73 19.13 1.79
N SER A 125 4.52 20.20 1.97
CA SER A 125 5.00 20.60 3.27
C SER A 125 3.88 21.35 3.96
N LYS A 126 4.08 21.69 5.21
CA LYS A 126 3.10 22.48 5.96
C LYS A 126 2.68 23.71 5.14
N THR A 127 3.68 24.45 4.66
CA THR A 127 3.40 25.68 3.91
C THR A 127 2.60 25.38 2.65
N TRP A 128 3.03 24.36 1.90
CA TRP A 128 2.38 24.01 0.64
C TRP A 128 0.92 23.59 0.83
N ILE A 129 0.68 22.63 1.73
CA ILE A 129 -0.67 22.15 2.01
C ILE A 129 -1.57 23.31 2.42
N GLU A 130 -1.09 24.09 3.39
CA GLU A 130 -1.75 25.28 3.90
C GLU A 130 -2.34 26.12 2.76
N ASP A 131 -1.53 26.38 1.74
CA ASP A 131 -1.98 27.17 0.60
C ASP A 131 -2.90 26.34 -0.29
N PHE A 132 -2.52 25.08 -0.48
CA PHE A 132 -3.23 24.19 -1.39
C PHE A 132 -4.67 23.97 -0.96
N ILE A 133 -4.88 23.85 0.34
CA ILE A 133 -6.22 23.75 0.89
C ILE A 133 -7.17 24.84 0.35
N THR A 134 -6.63 26.02 0.06
CA THR A 134 -7.45 27.14 -0.41
C THR A 134 -7.64 27.19 -1.95
N ARG A 135 -6.65 26.72 -2.71
CA ARG A 135 -6.74 26.79 -4.17
C ARG A 135 -7.13 25.44 -4.79
N GLU A 136 -7.13 24.40 -3.98
CA GLU A 136 -7.35 23.04 -4.45
C GLU A 136 -8.69 22.85 -5.16
N ASN A 137 -9.68 23.61 -4.74
CA ASN A 137 -11.03 23.45 -5.30
C ASN A 137 -11.14 23.82 -6.78
N THR A 138 -10.08 24.37 -7.37
CA THR A 138 -10.12 24.74 -8.78
C THR A 138 -9.90 23.56 -9.73
N VAL A 139 -9.39 22.42 -9.25
CA VAL A 139 -9.17 21.32 -10.18
C VAL A 139 -10.51 20.79 -10.65
N PRO A 140 -10.59 20.47 -11.94
CA PRO A 140 -11.85 20.10 -12.60
C PRO A 140 -12.45 18.82 -12.07
N SER A 141 -13.76 18.68 -12.22
CA SER A 141 -14.45 17.43 -11.97
C SER A 141 -14.06 16.45 -13.05
N PRO A 142 -14.33 15.16 -12.84
CA PRO A 142 -14.08 14.10 -13.81
C PRO A 142 -15.21 13.99 -14.82
N THR A 143 -14.94 13.34 -15.95
CA THR A 143 -15.98 13.06 -16.93
C THR A 143 -16.70 11.77 -16.56
N ASP A 144 -17.83 11.52 -17.19
CA ASP A 144 -18.60 10.31 -16.95
C ASP A 144 -17.84 9.08 -17.46
N ASP A 145 -16.90 9.31 -18.37
CA ASP A 145 -16.05 8.24 -18.89
C ASP A 145 -14.96 7.83 -17.89
N GLU A 146 -14.66 8.71 -16.95
CA GLU A 146 -13.62 8.47 -15.94
C GLU A 146 -14.19 7.94 -14.62
N VAL A 147 -15.18 8.64 -14.08
CA VAL A 147 -15.85 8.18 -12.88
C VAL A 147 -17.36 8.13 -13.07
N CYS A 148 -17.96 7.13 -12.45
CA CYS A 148 -19.39 6.92 -12.53
C CYS A 148 -19.91 6.89 -11.11
N ILE A 149 -20.68 7.91 -10.75
CA ILE A 149 -21.21 8.00 -9.40
C ILE A 149 -22.58 7.35 -9.36
N VAL A 150 -22.72 6.32 -8.53
CA VAL A 150 -24.00 5.66 -8.35
C VAL A 150 -24.52 5.85 -6.92
N GLU A 151 -25.80 5.54 -6.72
CA GLU A 151 -26.48 5.81 -5.45
C GLU A 151 -26.28 4.68 -4.42
N ASP A 152 -26.04 3.47 -4.93
CA ASP A 152 -25.87 2.33 -4.03
C ASP A 152 -25.24 1.13 -4.74
N GLY A 153 -25.06 0.05 -3.98
CA GLY A 153 -24.45 -1.17 -4.46
C GLY A 153 -25.21 -1.79 -5.61
N TYR A 154 -26.54 -1.66 -5.59
CA TYR A 154 -27.37 -2.29 -6.61
C TYR A 154 -27.14 -1.61 -7.94
N GLU A 155 -27.20 -0.29 -7.94
CA GLU A 155 -26.99 0.51 -9.15
C GLU A 155 -25.61 0.22 -9.72
N PHE A 156 -24.64 0.14 -8.82
CA PHE A 156 -23.27 -0.15 -9.21
C PHE A 156 -23.22 -1.41 -10.06
N ARG A 157 -23.84 -2.48 -9.55
CA ARG A 157 -23.83 -3.74 -10.26
C ARG A 157 -24.30 -3.56 -11.71
N ARG A 158 -25.46 -2.93 -11.90
CA ARG A 158 -25.96 -2.69 -13.25
C ARG A 158 -24.91 -2.06 -14.14
N GLU A 159 -24.52 -0.84 -13.78
CA GLU A 159 -23.55 -0.09 -14.55
C GLU A 159 -22.29 -0.91 -14.81
N PHE A 160 -21.84 -1.59 -13.77
CA PHE A 160 -20.66 -2.44 -13.83
C PHE A 160 -20.80 -3.48 -14.94
N GLU A 161 -21.85 -4.29 -14.87
CA GLU A 161 -22.12 -5.29 -15.90
C GLU A 161 -22.24 -4.66 -17.29
N LYS A 162 -22.97 -3.56 -17.37
CA LYS A 162 -23.11 -2.84 -18.63
C LYS A 162 -21.77 -2.78 -19.34
N LEU A 163 -20.75 -2.38 -18.57
CA LEU A 163 -19.42 -2.11 -19.10
C LEU A 163 -18.55 -3.36 -19.28
N GLY A 164 -19.11 -4.54 -19.02
CA GLY A 164 -18.35 -5.77 -19.17
C GLY A 164 -17.89 -6.40 -17.86
N GLY A 165 -18.36 -5.86 -16.74
CA GLY A 165 -17.99 -6.39 -15.45
C GLY A 165 -16.51 -6.17 -15.15
N ALA A 166 -15.90 -7.13 -14.46
CA ALA A 166 -14.52 -6.98 -14.01
C ALA A 166 -13.48 -7.32 -15.07
N ASP A 167 -13.87 -8.10 -16.08
CA ASP A 167 -12.97 -8.43 -17.19
C ASP A 167 -12.64 -7.20 -17.99
N ASN A 168 -13.54 -6.22 -17.96
CA ASN A 168 -13.40 -5.03 -18.75
C ASN A 168 -13.55 -3.79 -17.86
N TRP A 169 -12.89 -3.83 -16.70
CA TRP A 169 -13.05 -2.78 -15.69
C TRP A 169 -11.97 -1.70 -15.81
N GLY A 170 -12.39 -0.51 -16.26
CA GLY A 170 -11.47 0.58 -16.57
C GLY A 170 -11.75 1.91 -15.91
N LYS A 171 -13.00 2.16 -15.52
CA LYS A 171 -13.31 3.44 -14.86
C LYS A 171 -13.55 3.28 -13.37
N VAL A 172 -13.29 4.33 -12.61
CA VAL A 172 -13.53 4.27 -11.18
C VAL A 172 -15.01 4.51 -10.85
N PHE A 173 -15.48 3.90 -9.77
CA PHE A 173 -16.86 4.06 -9.33
C PHE A 173 -16.88 4.66 -7.94
N MET A 174 -17.84 5.55 -7.71
CA MET A 174 -18.10 6.06 -6.38
C MET A 174 -19.52 5.68 -5.99
N VAL A 175 -19.66 4.99 -4.88
CA VAL A 175 -20.97 4.51 -4.42
C VAL A 175 -21.41 5.28 -3.20
N LYS A 176 -22.44 6.09 -3.35
CA LYS A 176 -22.89 6.99 -2.28
C LYS A 176 -23.43 6.20 -1.08
N ASP A 177 -24.00 5.03 -1.34
CA ASP A 177 -24.49 4.19 -0.25
C ASP A 177 -24.07 2.73 -0.41
N MET A 178 -23.60 2.12 0.67
CA MET A 178 -23.03 0.77 0.61
C MET A 178 -24.07 -0.35 0.47
N ASP A 179 -25.34 -0.02 0.70
CA ASP A 179 -26.40 -1.01 0.54
C ASP A 179 -26.32 -1.67 -0.83
N GLY A 180 -26.16 -2.99 -0.86
CA GLY A 180 -26.12 -3.72 -2.12
C GLY A 180 -24.74 -4.14 -2.56
N LEU A 181 -23.71 -3.67 -1.86
CA LEU A 181 -22.32 -4.08 -2.12
C LEU A 181 -21.91 -5.36 -1.40
N ASN A 182 -22.70 -5.79 -0.42
CA ASN A 182 -22.36 -6.98 0.35
C ASN A 182 -20.97 -6.81 0.96
N MET A 183 -20.73 -5.64 1.53
CA MET A 183 -19.43 -5.31 2.04
C MET A 183 -19.57 -5.04 3.52
N THR A 184 -19.10 -5.97 4.33
CA THR A 184 -19.22 -5.84 5.77
C THR A 184 -18.44 -4.64 6.29
N MET A 185 -19.13 -3.76 7.00
CA MET A 185 -18.51 -2.63 7.66
C MET A 185 -19.10 -2.44 9.05
N PRO A 186 -18.29 -1.91 9.98
CA PRO A 186 -18.76 -1.76 11.37
C PRO A 186 -19.85 -0.70 11.44
N LYS A 187 -20.52 -0.61 12.57
CA LYS A 187 -21.58 0.40 12.74
C LYS A 187 -20.98 1.76 13.07
N PRO A 188 -21.42 2.81 12.38
CA PRO A 188 -20.94 4.17 12.68
C PRO A 188 -21.15 4.50 14.14
N GLY A 189 -20.33 5.41 14.67
CA GLY A 189 -20.13 5.52 16.09
C GLY A 189 -18.91 4.69 16.43
N PHE A 190 -18.70 3.65 15.64
CA PHE A 190 -17.44 2.89 15.67
C PHE A 190 -16.34 3.83 15.23
N ASP A 191 -15.27 3.92 16.02
CA ASP A 191 -14.20 4.84 15.65
C ASP A 191 -12.83 4.42 16.17
N LEU A 192 -11.90 5.37 16.19
CA LEU A 192 -10.50 5.07 16.46
C LEU A 192 -10.33 4.27 17.76
N GLU A 193 -11.09 4.64 18.77
CA GLU A 193 -11.04 3.99 20.09
C GLU A 193 -11.20 2.47 20.00
N ASP A 194 -12.30 2.04 19.37
CA ASP A 194 -12.57 0.61 19.25
C ASP A 194 -11.40 -0.08 18.58
N VAL A 195 -10.83 0.60 17.58
CA VAL A 195 -9.66 0.08 16.88
C VAL A 195 -8.50 -0.21 17.83
N VAL A 196 -8.01 0.82 18.52
CA VAL A 196 -6.86 0.63 19.40
C VAL A 196 -7.15 -0.31 20.55
N LYS A 197 -8.44 -0.50 20.84
CA LYS A 197 -8.82 -1.49 21.83
C LYS A 197 -8.73 -2.90 21.25
N ILE A 198 -9.33 -3.11 20.09
CA ILE A 198 -9.28 -4.43 19.45
C ILE A 198 -7.86 -4.87 19.12
N MET A 199 -7.08 -3.96 18.53
CA MET A 199 -5.73 -4.29 18.08
C MET A 199 -4.72 -4.26 19.22
N GLY A 200 -5.04 -3.49 20.26
CA GLY A 200 -4.08 -3.23 21.34
C GLY A 200 -3.37 -1.89 21.17
N SER A 201 -3.03 -1.26 22.29
CA SER A 201 -2.44 0.08 22.29
C SER A 201 -0.97 0.06 21.94
N ASP A 202 -0.31 -1.05 22.21
CA ASP A 202 1.11 -1.18 21.85
C ASP A 202 1.33 -1.61 20.40
N TYR A 203 0.22 -1.87 19.69
CA TYR A 203 0.26 -2.30 18.30
C TYR A 203 0.83 -1.17 17.43
N GLU A 204 1.99 -1.42 16.82
CA GLU A 204 2.68 -0.39 16.04
C GLU A 204 2.28 -0.39 14.57
N VAL A 205 2.20 0.80 13.99
CA VAL A 205 1.78 0.92 12.61
C VAL A 205 2.56 2.00 11.87
N ASP A 206 2.98 1.67 10.64
CA ASP A 206 3.65 2.62 9.75
C ASP A 206 2.78 3.84 9.49
N THR A 207 3.24 4.98 10.00
CA THR A 207 2.45 6.21 10.00
C THR A 207 3.16 7.26 9.19
N ILE A 208 2.40 8.02 8.41
CA ILE A 208 3.00 9.08 7.61
C ILE A 208 3.12 10.36 8.42
N ASP A 209 4.35 10.81 8.62
CA ASP A 209 4.61 12.15 9.10
C ASP A 209 4.43 13.08 7.90
N VAL A 210 3.28 13.73 7.85
CA VAL A 210 2.82 14.46 6.65
C VAL A 210 3.74 15.59 6.19
N TYR A 211 4.01 16.54 7.07
CA TYR A 211 4.83 17.71 6.72
C TYR A 211 6.24 17.26 6.36
N ASN A 212 6.59 16.07 6.82
CA ASN A 212 7.92 15.55 6.54
C ASN A 212 7.91 14.61 5.35
N GLN A 213 6.73 14.37 4.80
CA GLN A 213 6.51 13.38 3.74
C GLN A 213 7.34 12.09 3.89
N SER A 214 7.34 11.54 5.10
CA SER A 214 8.06 10.32 5.44
C SER A 214 7.20 9.38 6.30
N THR A 215 7.72 8.18 6.51
CA THR A 215 7.02 7.14 7.23
C THR A 215 7.82 6.61 8.41
N TYR A 216 7.16 6.45 9.55
CA TYR A 216 7.80 5.96 10.76
C TYR A 216 6.78 5.14 11.55
N SER A 217 7.24 4.24 12.40
CA SER A 217 6.31 3.48 13.21
C SER A 217 5.79 4.30 14.38
N MET A 218 4.51 4.15 14.66
CA MET A 218 3.89 4.78 15.81
C MET A 218 2.97 3.80 16.52
N LYS A 219 3.00 3.82 17.84
CA LYS A 219 2.04 3.08 18.66
C LYS A 219 0.63 3.57 18.42
N LEU A 220 -0.27 2.62 18.18
CA LEU A 220 -1.67 2.91 18.01
C LEU A 220 -2.16 3.87 19.10
N ASP A 221 -1.76 3.60 20.35
CA ASP A 221 -2.13 4.45 21.50
C ASP A 221 -1.55 5.86 21.41
N THR A 222 -0.29 5.96 21.00
CA THR A 222 0.38 7.25 20.80
C THR A 222 -0.27 8.04 19.67
N PHE A 223 -0.78 7.34 18.66
CA PHE A 223 -1.49 8.01 17.58
C PHE A 223 -2.81 8.53 18.08
N ARG A 224 -3.47 7.74 18.89
CA ARG A 224 -4.77 8.11 19.44
C ARG A 224 -4.66 9.37 20.28
N LYS A 225 -3.55 9.53 20.98
CA LYS A 225 -3.36 10.68 21.83
C LYS A 225 -3.29 11.92 20.97
N LEU A 226 -2.36 11.89 20.01
CA LEU A 226 -2.14 13.01 19.11
C LEU A 226 -3.43 13.35 18.37
N PHE A 227 -4.18 12.32 18.04
CA PHE A 227 -5.34 12.48 17.20
C PHE A 227 -6.40 13.18 18.01
N ARG A 228 -6.54 12.75 19.25
CA ARG A 228 -7.59 13.27 20.11
C ARG A 228 -7.29 14.70 20.55
N ASP A 229 -6.03 15.13 20.43
CA ASP A 229 -5.71 16.53 20.64
C ASP A 229 -5.90 17.28 19.34
N THR A 230 -7.06 17.87 19.19
CA THR A 230 -7.43 18.54 17.95
C THR A 230 -6.88 19.97 17.86
N LYS A 231 -6.52 20.54 19.01
CA LYS A 231 -6.03 21.92 19.09
C LYS A 231 -4.52 22.06 18.92
N ASN A 232 -3.76 21.10 19.44
CA ASN A 232 -2.30 21.15 19.31
C ASN A 232 -1.76 20.03 18.43
N ARG A 233 -1.54 20.37 17.16
CA ARG A 233 -0.98 19.42 16.21
C ARG A 233 0.24 20.04 15.52
N PRO A 234 1.35 20.17 16.25
CA PRO A 234 2.55 20.77 15.67
C PRO A 234 2.92 20.03 14.37
N LEU A 235 2.53 18.76 14.30
CA LEU A 235 2.79 17.88 13.17
C LEU A 235 1.51 17.12 12.88
N LEU A 236 1.33 16.73 11.62
CA LEU A 236 0.17 15.94 11.23
C LEU A 236 0.58 14.51 10.97
N TYR A 237 -0.32 13.59 11.25
CA TYR A 237 -0.07 12.19 10.97
C TYR A 237 -1.27 11.53 10.32
N ASN A 238 -0.98 10.53 9.50
CA ASN A 238 -1.98 9.86 8.71
C ASN A 238 -1.41 8.47 8.52
N PHE A 239 -2.09 7.43 8.98
CA PHE A 239 -1.61 6.09 8.65
C PHE A 239 -2.55 5.44 7.67
N LEU A 240 -2.00 4.63 6.78
CA LEU A 240 -2.80 4.02 5.74
C LEU A 240 -2.58 2.52 5.73
N SER A 241 -1.81 2.02 6.69
CA SER A 241 -1.24 0.69 6.55
C SER A 241 -1.45 -0.18 7.77
N LEU A 242 -2.60 -0.03 8.40
CA LEU A 242 -2.99 -0.91 9.48
C LEU A 242 -3.75 -2.07 8.86
N GLU A 243 -3.02 -3.13 8.51
CA GLU A 243 -3.64 -4.29 7.89
C GLU A 243 -4.00 -5.28 9.01
N PHE A 244 -5.27 -5.67 9.06
CA PHE A 244 -5.78 -6.44 10.19
C PHE A 244 -6.33 -7.81 9.80
N SER A 245 -6.11 -8.23 8.56
CA SER A 245 -6.57 -9.54 8.10
C SER A 245 -6.24 -10.67 9.09
N ASP A 246 -5.23 -10.46 9.92
CA ASP A 246 -4.73 -11.50 10.81
C ASP A 246 -5.21 -11.34 12.26
N ASN A 247 -6.10 -10.38 12.50
CA ASN A 247 -6.67 -10.12 13.82
C ASN A 247 -8.07 -10.70 13.88
N ASN A 248 -8.23 -11.75 14.67
CA ASN A 248 -9.46 -12.53 14.67
C ASN A 248 -10.72 -11.69 14.83
N GLU A 249 -10.68 -10.69 15.68
CA GLU A 249 -11.80 -9.77 15.80
C GLU A 249 -11.95 -8.90 14.53
N MET A 250 -11.02 -7.97 14.30
CA MET A 250 -11.10 -7.00 13.20
C MET A 250 -11.51 -7.57 11.85
N LYS A 251 -10.83 -8.64 11.43
CA LYS A 251 -11.07 -9.23 10.12
C LYS A 251 -12.53 -9.66 9.93
N GLU A 252 -13.30 -9.62 11.01
CA GLU A 252 -14.71 -10.03 10.94
C GLU A 252 -15.60 -8.81 10.84
N ILE A 253 -15.06 -7.66 11.24
CA ILE A 253 -15.82 -6.42 11.32
C ILE A 253 -15.87 -5.64 10.00
N ALA A 254 -14.79 -5.70 9.22
CA ALA A 254 -14.71 -4.96 7.96
C ALA A 254 -14.16 -5.85 6.84
N LYS A 255 -14.94 -6.02 5.79
CA LYS A 255 -14.59 -6.92 4.69
C LYS A 255 -14.74 -6.28 3.31
N PRO A 256 -14.03 -6.82 2.31
CA PRO A 256 -14.21 -6.37 0.94
C PRO A 256 -15.62 -6.70 0.47
N PRO A 257 -16.11 -6.00 -0.56
CA PRO A 257 -17.37 -6.37 -1.17
C PRO A 257 -17.29 -7.80 -1.67
N ARG A 258 -18.44 -8.45 -1.78
CA ARG A 258 -18.50 -9.82 -2.26
C ARG A 258 -17.77 -9.92 -3.62
N PHE A 259 -18.00 -8.95 -4.50
CA PHE A 259 -17.40 -9.03 -5.83
C PHE A 259 -15.87 -8.94 -5.81
N VAL A 260 -15.33 -8.20 -4.84
CA VAL A 260 -13.88 -8.09 -4.73
C VAL A 260 -13.30 -9.44 -4.33
N GLN A 261 -13.95 -10.10 -3.39
CA GLN A 261 -13.53 -11.42 -2.92
C GLN A 261 -13.59 -12.45 -4.05
N GLU A 262 -14.61 -12.35 -4.87
CA GLU A 262 -14.84 -13.31 -5.95
C GLU A 262 -13.79 -13.26 -7.06
N ILE A 263 -13.14 -12.11 -7.22
CA ILE A 263 -12.11 -11.96 -8.26
C ILE A 263 -10.70 -11.81 -7.70
N SER A 264 -10.58 -11.68 -6.38
CA SER A 264 -9.27 -11.52 -5.77
C SER A 264 -8.37 -12.74 -6.00
N MET A 265 -7.22 -12.52 -6.63
CA MET A 265 -6.27 -13.60 -6.90
C MET A 265 -5.66 -14.17 -5.61
N VAL A 266 -5.45 -13.29 -4.63
CA VAL A 266 -4.89 -13.68 -3.34
C VAL A 266 -5.85 -14.64 -2.64
N ASN A 267 -7.11 -14.23 -2.63
CA ASN A 267 -8.18 -15.00 -2.04
C ASN A 267 -8.30 -16.39 -2.68
N ARG A 268 -8.10 -16.43 -4.00
CA ARG A 268 -8.24 -17.67 -4.75
C ARG A 268 -7.13 -18.66 -4.41
N LEU A 269 -5.98 -18.13 -3.99
CA LEU A 269 -4.81 -18.96 -3.71
C LEU A 269 -4.71 -19.29 -2.24
N TRP A 270 -5.16 -18.37 -1.39
CA TRP A 270 -5.27 -18.65 0.05
C TRP A 270 -6.73 -18.59 0.49
N PRO A 271 -7.55 -19.56 0.06
CA PRO A 271 -8.98 -19.57 0.40
C PRO A 271 -9.20 -19.74 1.89
N ASP A 272 -10.17 -19.03 2.46
CA ASP A 272 -10.50 -19.22 3.87
C ASP A 272 -11.38 -20.46 3.98
N VAL A 273 -10.75 -21.58 4.27
CA VAL A 273 -11.41 -22.87 4.15
C VAL A 273 -11.09 -23.71 5.39
N SER A 274 -11.93 -24.68 5.72
CA SER A 274 -11.71 -25.44 6.94
C SER A 274 -12.26 -26.85 6.87
N GLY A 275 -11.88 -27.66 7.85
CA GLY A 275 -12.34 -29.02 7.91
C GLY A 275 -11.85 -29.79 6.71
N ALA A 276 -12.77 -30.51 6.07
CA ALA A 276 -12.43 -31.37 4.94
C ALA A 276 -11.93 -30.58 3.73
N GLU A 277 -12.54 -29.42 3.47
CA GLU A 277 -12.11 -28.59 2.35
C GLU A 277 -10.63 -28.31 2.50
N TYR A 278 -10.23 -27.88 3.68
CA TYR A 278 -8.85 -27.57 3.94
C TYR A 278 -7.93 -28.79 3.79
N ILE A 279 -8.37 -29.93 4.34
CA ILE A 279 -7.62 -31.17 4.17
C ILE A 279 -7.38 -31.48 2.69
N LYS A 280 -8.44 -31.34 1.88
CA LYS A 280 -8.33 -31.55 0.43
C LYS A 280 -7.29 -30.62 -0.20
N LEU A 281 -7.37 -29.36 0.20
CA LEU A 281 -6.44 -28.32 -0.20
C LEU A 281 -5.00 -28.77 0.10
N LEU A 282 -4.81 -29.40 1.24
CA LEU A 282 -3.52 -29.96 1.61
C LEU A 282 -3.17 -31.16 0.72
N GLN A 283 -4.16 -32.04 0.51
CA GLN A 283 -3.95 -33.24 -0.29
C GLN A 283 -3.50 -32.91 -1.72
N ARG A 284 -4.23 -32.02 -2.41
CA ARG A 284 -3.65 -31.41 -3.60
C ARG A 284 -2.54 -30.51 -3.07
N GLU A 285 -1.42 -30.42 -3.77
CA GLU A 285 -0.31 -29.65 -3.22
C GLU A 285 -0.61 -28.15 -3.27
N GLU A 286 -1.89 -27.82 -3.17
CA GLU A 286 -2.38 -26.45 -3.30
C GLU A 286 -2.30 -25.61 -2.02
N TYR A 287 -1.55 -26.09 -1.03
CA TYR A 287 -1.39 -25.32 0.19
C TYR A 287 -0.24 -24.33 0.10
N LEU A 288 -0.52 -23.10 0.52
CA LEU A 288 0.49 -22.05 0.57
C LEU A 288 0.55 -21.52 1.99
N PRO A 289 1.76 -21.27 2.51
CA PRO A 289 1.92 -20.75 3.88
C PRO A 289 1.25 -19.39 4.06
N GLU A 290 0.70 -19.17 5.25
CA GLU A 290 0.06 -17.91 5.56
C GLU A 290 1.06 -16.75 5.58
N ASP A 291 2.31 -17.06 5.87
CA ASP A 291 3.36 -16.04 5.97
C ASP A 291 3.88 -15.63 4.59
N GLN A 292 3.42 -16.34 3.57
CA GLN A 292 3.77 -16.00 2.18
C GLN A 292 2.62 -15.24 1.52
N ARG A 293 1.48 -15.19 2.19
CA ARG A 293 0.32 -14.53 1.63
C ARG A 293 0.50 -13.02 1.62
N PRO A 294 0.22 -12.38 0.47
CA PRO A 294 0.27 -10.91 0.44
C PRO A 294 -0.88 -10.38 1.29
N LYS A 295 -0.52 -9.68 2.36
CA LYS A 295 -1.47 -9.19 3.33
C LYS A 295 -1.78 -7.76 2.98
N VAL A 296 -2.85 -7.54 2.23
CA VAL A 296 -3.10 -6.19 1.74
C VAL A 296 -4.57 -5.94 1.47
N GLU A 297 -5.40 -6.95 1.67
CA GLU A 297 -6.82 -6.83 1.29
C GLU A 297 -7.68 -6.19 2.38
N GLN A 298 -7.09 -5.93 3.55
CA GLN A 298 -7.88 -5.40 4.67
C GLN A 298 -7.13 -4.38 5.49
N PHE A 299 -7.35 -3.11 5.19
CA PHE A 299 -6.59 -2.03 5.80
C PHE A 299 -7.50 -1.06 6.49
N CYS A 300 -7.02 -0.53 7.60
CA CYS A 300 -7.68 0.57 8.26
C CYS A 300 -6.80 1.80 8.11
N LEU A 301 -7.43 2.94 7.85
CA LEU A 301 -6.71 4.20 7.66
C LEU A 301 -7.31 5.29 8.52
N ALA A 302 -6.45 6.14 9.06
CA ALA A 302 -6.90 7.26 9.87
C ALA A 302 -5.98 8.43 9.62
N GLY A 303 -6.54 9.60 9.36
CA GLY A 303 -5.76 10.79 9.13
C GLY A 303 -6.26 12.06 9.83
N MET A 304 -5.32 12.88 10.27
CA MET A 304 -5.62 14.21 10.81
C MET A 304 -5.98 15.17 9.68
N ALA A 305 -6.95 16.03 9.96
CA ALA A 305 -7.26 17.18 9.10
C ALA A 305 -5.97 17.84 8.61
N GLY A 306 -5.94 18.18 7.32
CA GLY A 306 -4.73 18.73 6.74
C GLY A 306 -3.80 17.70 6.10
N SER A 307 -4.06 16.40 6.29
CA SER A 307 -3.21 15.38 5.66
C SER A 307 -3.27 15.40 4.15
N TYR A 308 -2.11 15.20 3.54
CA TYR A 308 -2.02 15.06 2.11
C TYR A 308 -1.13 13.89 1.77
N THR A 309 -1.62 13.01 0.91
CA THR A 309 -0.81 11.95 0.31
C THR A 309 -0.58 12.30 -1.16
N ASP A 310 0.69 12.37 -1.54
CA ASP A 310 1.11 12.77 -2.89
C ASP A 310 0.80 11.68 -3.91
N PHE A 311 0.79 12.08 -5.19
CA PHE A 311 0.39 11.19 -6.27
C PHE A 311 1.17 9.89 -6.25
N HIS A 312 0.49 8.81 -6.58
CA HIS A 312 1.14 7.51 -6.71
C HIS A 312 0.20 6.60 -7.43
N VAL A 313 0.71 5.44 -7.83
CA VAL A 313 -0.13 4.36 -8.28
C VAL A 313 -0.05 3.29 -7.21
N ASP A 314 -1.16 2.64 -6.89
CA ASP A 314 -1.16 1.64 -5.83
C ASP A 314 -0.31 0.43 -6.18
N PHE A 315 0.35 -0.14 -5.17
CA PHE A 315 1.41 -1.10 -5.46
C PHE A 315 0.88 -2.29 -6.27
N GLY A 316 1.72 -2.72 -7.22
CA GLY A 316 1.44 -3.89 -8.02
C GLY A 316 0.36 -3.59 -9.03
N GLY A 317 -0.03 -2.32 -9.11
CA GLY A 317 -1.10 -1.88 -10.00
C GLY A 317 -2.41 -2.45 -9.49
N SER A 318 -2.49 -2.61 -8.17
CA SER A 318 -3.66 -3.20 -7.56
C SER A 318 -4.88 -2.28 -7.62
N SER A 319 -6.05 -2.91 -7.63
CA SER A 319 -7.33 -2.23 -7.54
C SER A 319 -7.67 -1.97 -6.08
N VAL A 320 -8.50 -0.95 -5.85
CA VAL A 320 -8.73 -0.47 -4.50
C VAL A 320 -10.22 -0.47 -4.17
N TYR A 321 -10.58 -0.92 -2.97
CA TYR A 321 -11.87 -0.59 -2.39
C TYR A 321 -11.58 0.33 -1.21
N TYR A 322 -12.43 1.31 -0.96
CA TYR A 322 -12.07 2.39 -0.05
C TYR A 322 -13.36 2.98 0.48
N HIS A 323 -13.60 2.81 1.77
CA HIS A 323 -14.86 3.22 2.41
C HIS A 323 -14.66 4.18 3.58
N ILE A 324 -15.39 5.29 3.57
CA ILE A 324 -15.26 6.31 4.61
C ILE A 324 -16.18 6.01 5.79
N LEU A 325 -15.60 5.65 6.93
CA LEU A 325 -16.41 5.44 8.10
C LEU A 325 -16.68 6.80 8.73
N LYS A 326 -15.65 7.63 8.76
CA LYS A 326 -15.75 8.96 9.32
C LYS A 326 -14.88 9.94 8.57
N GLY A 327 -15.40 11.15 8.41
CA GLY A 327 -14.66 12.23 7.77
C GLY A 327 -14.94 12.35 6.29
N GLU A 328 -13.91 12.70 5.54
CA GLU A 328 -14.04 13.13 4.16
C GLU A 328 -12.68 13.12 3.48
N LYS A 329 -12.65 12.74 2.23
CA LYS A 329 -11.41 12.71 1.46
C LYS A 329 -11.63 13.43 0.15
N ILE A 330 -10.60 14.13 -0.32
CA ILE A 330 -10.62 14.63 -1.70
C ILE A 330 -9.53 13.94 -2.51
N PHE A 331 -9.97 13.13 -3.47
CA PHE A 331 -9.07 12.46 -4.39
C PHE A 331 -8.81 13.32 -5.61
N TYR A 332 -7.54 13.38 -6.01
CA TYR A 332 -7.13 14.00 -7.27
C TYR A 332 -6.57 12.88 -8.13
N ILE A 333 -7.21 12.64 -9.26
CA ILE A 333 -7.00 11.41 -10.02
C ILE A 333 -6.61 11.62 -11.49
N ALA A 334 -5.96 10.61 -12.07
CA ALA A 334 -5.60 10.66 -13.48
C ALA A 334 -5.63 9.28 -14.12
N ALA A 335 -6.19 9.22 -15.32
CA ALA A 335 -6.41 7.98 -16.05
C ALA A 335 -5.11 7.23 -16.32
N PRO A 336 -5.17 5.89 -16.29
CA PRO A 336 -3.99 5.08 -16.64
C PRO A 336 -3.63 5.09 -18.14
N THR A 337 -3.36 6.27 -18.74
CA THR A 337 -2.93 6.32 -20.14
C THR A 337 -1.42 6.40 -20.22
N GLU A 338 -0.87 6.11 -21.39
CA GLU A 338 0.56 6.17 -21.59
C GLU A 338 1.08 7.60 -21.50
N GLN A 339 0.28 8.56 -21.95
CA GLN A 339 0.69 9.96 -21.80
C GLN A 339 0.84 10.25 -20.32
N ASN A 340 -0.17 9.87 -19.56
CA ASN A 340 -0.17 10.12 -18.12
C ASN A 340 0.93 9.35 -17.38
N PHE A 341 1.15 8.09 -17.77
CA PHE A 341 2.18 7.29 -17.14
C PHE A 341 3.55 7.91 -17.39
N ALA A 342 3.79 8.33 -18.63
CA ALA A 342 5.06 8.94 -18.99
C ALA A 342 5.28 10.22 -18.20
N ALA A 343 4.24 11.01 -18.05
CA ALA A 343 4.31 12.19 -17.19
C ALA A 343 4.63 11.77 -15.77
N TYR A 344 3.93 10.75 -15.29
CA TYR A 344 4.09 10.33 -13.89
C TYR A 344 5.48 9.79 -13.64
N GLN A 345 5.98 9.00 -14.59
CA GLN A 345 7.27 8.37 -14.41
C GLN A 345 8.36 9.42 -14.33
N ALA A 346 8.25 10.45 -15.16
CA ALA A 346 9.23 11.52 -15.17
C ALA A 346 9.13 12.30 -13.87
N HIS A 347 7.91 12.54 -13.42
CA HIS A 347 7.67 13.29 -12.19
C HIS A 347 8.24 12.55 -11.00
N GLU A 348 8.20 11.21 -11.08
CA GLU A 348 8.60 10.35 -9.99
C GLU A 348 10.14 10.23 -9.95
N THR A 349 10.79 10.43 -11.09
CA THR A 349 12.24 10.21 -11.19
C THR A 349 13.05 11.51 -11.19
N SER A 350 12.39 12.62 -11.50
CA SER A 350 13.02 13.92 -11.36
C SER A 350 13.29 14.24 -9.89
N PRO A 351 14.39 14.96 -9.62
CA PRO A 351 14.73 15.39 -8.25
C PRO A 351 13.88 16.56 -7.81
N ASP A 352 13.18 17.22 -8.74
CA ASP A 352 12.34 18.34 -8.38
C ASP A 352 11.28 17.87 -7.38
N THR A 353 10.90 18.77 -6.51
CA THR A 353 10.15 18.42 -5.32
C THR A 353 9.13 19.53 -5.08
N THR A 354 9.19 20.55 -5.93
CA THR A 354 8.43 21.79 -5.76
C THR A 354 7.25 21.89 -6.75
N THR A 355 7.16 20.93 -7.65
CA THR A 355 6.08 20.97 -8.63
C THR A 355 5.02 19.91 -8.37
N TRP A 356 3.78 20.38 -8.24
CA TRP A 356 2.63 19.49 -8.10
C TRP A 356 2.44 18.77 -9.43
N PHE A 357 2.25 17.45 -9.37
CA PHE A 357 2.15 16.66 -10.59
C PHE A 357 0.96 17.13 -11.42
N GLY A 358 -0.01 17.73 -10.74
CA GLY A 358 -1.19 18.24 -11.41
C GLY A 358 -0.89 19.37 -12.40
N ASP A 359 0.13 20.16 -12.09
CA ASP A 359 0.53 21.27 -12.95
C ASP A 359 1.33 20.88 -14.21
N ILE A 360 1.72 19.61 -14.31
CA ILE A 360 2.46 19.16 -15.50
C ILE A 360 1.63 18.15 -16.28
N ALA A 361 0.45 17.84 -15.75
CA ALA A 361 -0.34 16.72 -16.26
C ALA A 361 -1.22 17.09 -17.45
N ASN A 362 -1.15 18.35 -17.88
CA ASN A 362 -1.90 18.78 -19.05
C ASN A 362 -3.40 18.57 -18.81
N GLY A 363 -3.89 19.00 -17.65
CA GLY A 363 -5.29 18.85 -17.32
C GLY A 363 -5.81 17.42 -17.20
N ALA A 364 -4.92 16.46 -16.88
CA ALA A 364 -5.35 15.08 -16.65
C ALA A 364 -5.96 14.88 -15.26
N VAL A 365 -5.46 15.64 -14.29
CA VAL A 365 -5.93 15.52 -12.91
C VAL A 365 -7.33 16.09 -12.67
N LYS A 366 -8.18 15.27 -12.06
CA LYS A 366 -9.56 15.64 -11.77
C LYS A 366 -9.81 15.56 -10.27
N ARG A 367 -10.88 16.20 -9.81
CA ARG A 367 -11.21 16.25 -8.37
C ARG A 367 -12.48 15.48 -8.04
N VAL A 368 -12.40 14.58 -7.07
CA VAL A 368 -13.59 13.88 -6.62
C VAL A 368 -13.66 13.81 -5.10
N VAL A 369 -14.72 14.37 -4.55
CA VAL A 369 -14.90 14.43 -3.11
C VAL A 369 -15.67 13.22 -2.65
N ILE A 370 -15.14 12.53 -1.64
CA ILE A 370 -15.80 11.38 -1.03
C ILE A 370 -16.19 11.71 0.42
N LYS A 371 -17.48 11.61 0.70
CA LYS A 371 -18.01 11.99 2.00
C LYS A 371 -18.28 10.75 2.83
N GLU A 372 -18.37 10.95 4.13
CA GLU A 372 -18.72 9.90 5.07
C GLU A 372 -19.79 8.95 4.55
N GLY A 373 -19.48 7.65 4.57
CA GLY A 373 -20.43 6.63 4.17
C GLY A 373 -20.36 6.25 2.70
N GLN A 374 -19.53 6.96 1.95
CA GLN A 374 -19.41 6.71 0.52
C GLN A 374 -18.20 5.83 0.24
N THR A 375 -18.28 5.06 -0.85
CA THR A 375 -17.25 4.09 -1.16
C THR A 375 -16.69 4.30 -2.56
N LEU A 376 -15.37 4.45 -2.63
CA LEU A 376 -14.67 4.53 -3.90
C LEU A 376 -14.16 3.15 -4.34
N LEU A 377 -14.22 2.86 -5.64
CA LEU A 377 -13.66 1.62 -6.19
C LEU A 377 -12.80 1.92 -7.41
N ILE A 378 -11.49 1.82 -7.24
CA ILE A 378 -10.53 2.21 -8.28
C ILE A 378 -9.87 1.00 -8.95
N PRO A 379 -9.96 0.89 -10.29
CA PRO A 379 -9.31 -0.24 -10.95
C PRO A 379 -7.82 0.01 -11.10
N ALA A 380 -7.12 -0.92 -11.75
CA ALA A 380 -5.68 -0.82 -11.96
C ALA A 380 -5.24 0.39 -12.76
N GLY A 381 -4.15 1.03 -12.31
CA GLY A 381 -3.52 2.08 -13.08
C GLY A 381 -3.70 3.51 -12.58
N TRP A 382 -4.92 3.85 -12.22
CA TRP A 382 -5.22 5.20 -11.79
C TRP A 382 -4.17 5.84 -10.88
N ILE A 383 -3.63 6.96 -11.32
CA ILE A 383 -2.71 7.75 -10.55
C ILE A 383 -3.53 8.68 -9.66
N HIS A 384 -3.18 8.77 -8.38
CA HIS A 384 -4.03 9.56 -7.49
C HIS A 384 -3.28 10.15 -6.32
N ALA A 385 -3.78 11.29 -5.86
CA ALA A 385 -3.33 11.94 -4.63
C ALA A 385 -4.57 12.23 -3.77
N VAL A 386 -4.40 12.36 -2.47
CA VAL A 386 -5.58 12.65 -1.68
C VAL A 386 -5.35 13.60 -0.52
N LEU A 387 -6.27 14.55 -0.39
CA LEU A 387 -6.26 15.49 0.72
C LEU A 387 -7.34 15.10 1.73
N THR A 388 -7.04 15.26 3.01
CA THR A 388 -8.03 14.98 4.06
C THR A 388 -8.54 16.28 4.70
N PRO A 389 -9.71 16.75 4.25
CA PRO A 389 -10.26 18.01 4.75
C PRO A 389 -10.59 17.92 6.23
N VAL A 390 -10.89 16.70 6.69
CA VAL A 390 -11.46 16.48 8.04
C VAL A 390 -10.96 15.19 8.67
N ASP A 391 -10.64 15.25 9.96
CA ASP A 391 -10.29 14.06 10.73
C ASP A 391 -11.08 12.85 10.22
N SER A 392 -10.37 11.76 9.94
CA SER A 392 -11.00 10.67 9.18
C SER A 392 -10.64 9.27 9.61
N LEU A 393 -11.52 8.34 9.26
CA LEU A 393 -11.30 6.92 9.51
C LEU A 393 -11.86 6.12 8.33
N VAL A 394 -11.05 5.23 7.80
CA VAL A 394 -11.42 4.58 6.55
C VAL A 394 -11.05 3.10 6.55
N PHE A 395 -11.83 2.29 5.86
CA PHE A 395 -11.48 0.89 5.66
C PHE A 395 -11.39 0.59 4.18
N GLY A 396 -10.25 0.03 3.77
CA GLY A 396 -10.00 -0.24 2.39
C GLY A 396 -9.10 -1.43 2.20
N GLY A 397 -8.75 -1.73 0.95
CA GLY A 397 -7.89 -2.87 0.67
C GLY A 397 -7.47 -2.90 -0.78
N ASN A 398 -6.35 -3.55 -1.04
CA ASN A 398 -5.82 -3.72 -2.38
C ASN A 398 -6.00 -5.14 -2.88
N PHE A 399 -6.23 -5.29 -4.16
CA PHE A 399 -6.39 -6.63 -4.77
C PHE A 399 -5.96 -6.70 -6.24
N LEU A 400 -5.55 -7.90 -6.62
CA LEU A 400 -5.19 -8.24 -8.01
C LEU A 400 -6.24 -9.18 -8.56
N HIS A 401 -6.64 -8.95 -9.81
CA HIS A 401 -7.62 -9.80 -10.48
C HIS A 401 -7.29 -9.94 -11.98
N LEU A 402 -7.72 -11.05 -12.58
CA LEU A 402 -7.35 -11.36 -13.96
C LEU A 402 -7.86 -10.31 -14.95
N GLY A 403 -9.03 -9.73 -14.65
CA GLY A 403 -9.61 -8.68 -15.44
C GLY A 403 -8.66 -7.54 -15.73
N ASN A 404 -7.78 -7.24 -14.79
CA ASN A 404 -6.82 -6.16 -14.95
C ASN A 404 -5.40 -6.62 -15.03
N LEU A 405 -5.20 -7.85 -15.47
CA LEU A 405 -3.87 -8.44 -15.56
C LEU A 405 -2.88 -7.56 -16.32
N GLU A 406 -3.28 -7.08 -17.49
CA GLU A 406 -2.37 -6.34 -18.37
C GLU A 406 -1.98 -5.01 -17.73
N MET A 407 -2.97 -4.27 -17.26
CA MET A 407 -2.67 -3.02 -16.58
C MET A 407 -1.77 -3.30 -15.37
N GLN A 408 -2.06 -4.39 -14.65
CA GLN A 408 -1.26 -4.76 -13.49
C GLN A 408 0.22 -4.97 -13.85
N MET A 409 0.48 -5.67 -14.96
CA MET A 409 1.86 -5.82 -15.44
C MET A 409 2.45 -4.49 -15.90
N ARG A 410 1.66 -3.69 -16.61
CA ARG A 410 2.05 -2.31 -17.00
C ARG A 410 2.55 -1.50 -15.80
N VAL A 411 1.77 -1.48 -14.72
CA VAL A 411 2.21 -0.78 -13.51
C VAL A 411 3.48 -1.38 -12.91
N TYR A 412 3.59 -2.71 -12.96
CA TYR A 412 4.80 -3.36 -12.48
C TYR A 412 6.02 -2.88 -13.27
N HIS A 413 5.88 -2.75 -14.59
CA HIS A 413 6.94 -2.19 -15.43
C HIS A 413 7.23 -0.75 -15.04
N LEU A 414 6.17 0.01 -14.78
CA LEU A 414 6.35 1.38 -14.34
C LEU A 414 7.15 1.44 -13.02
N GLU A 415 6.78 0.60 -12.05
CA GLU A 415 7.49 0.57 -10.77
C GLU A 415 8.96 0.24 -10.98
N ASN A 416 9.22 -0.82 -11.74
CA ASN A 416 10.58 -1.29 -11.91
C ASN A 416 11.47 -0.26 -12.61
N ALA A 417 10.88 0.45 -13.56
CA ALA A 417 11.61 1.51 -14.24
C ALA A 417 11.96 2.65 -13.28
N ILE A 418 11.02 3.04 -12.42
CA ILE A 418 11.31 4.04 -11.39
C ILE A 418 12.36 3.53 -10.38
N ARG A 419 12.22 2.28 -9.95
CA ARG A 419 13.16 1.70 -9.00
C ARG A 419 14.59 1.68 -9.54
N LYS A 420 14.75 1.76 -10.85
CA LYS A 420 16.09 1.82 -11.43
C LYS A 420 16.78 3.15 -11.13
N GLU A 421 16.01 4.22 -11.06
CA GLU A 421 16.56 5.54 -10.82
C GLU A 421 16.61 5.90 -9.35
N ILE A 422 15.60 5.49 -8.60
CA ILE A 422 15.46 5.90 -7.22
C ILE A 422 15.37 4.72 -6.23
N ARG A 423 16.05 4.86 -5.11
CA ARG A 423 16.11 3.82 -4.11
C ARG A 423 14.88 3.88 -3.20
N SER A 424 14.15 2.77 -3.11
CA SER A 424 13.03 2.65 -2.19
C SER A 424 13.05 1.33 -1.44
N GLU A 425 12.15 1.22 -0.47
CA GLU A 425 12.03 0.02 0.35
C GLU A 425 10.95 -0.90 -0.21
N GLU A 426 11.22 -2.20 -0.17
CA GLU A 426 10.32 -3.17 -0.78
C GLU A 426 8.93 -3.14 -0.16
N LYS A 427 8.82 -2.62 1.06
CA LYS A 427 7.54 -2.61 1.76
C LYS A 427 6.52 -1.71 1.06
N PHE A 428 7.00 -0.69 0.35
CA PHE A 428 6.11 0.17 -0.41
C PHE A 428 5.71 -0.44 -1.75
N TYR A 429 6.11 -1.69 -1.97
CA TYR A 429 5.72 -2.40 -3.17
C TYR A 429 4.87 -3.61 -2.83
N PHE A 430 4.26 -4.22 -3.85
CA PHE A 430 3.34 -5.32 -3.61
C PHE A 430 4.11 -6.54 -3.13
N PRO A 431 3.80 -7.00 -1.91
CA PRO A 431 4.43 -8.13 -1.22
C PRO A 431 4.34 -9.40 -2.05
N ASN A 432 5.47 -10.00 -2.40
CA ASN A 432 5.48 -11.28 -3.10
C ASN A 432 4.71 -11.30 -4.41
N PHE A 433 4.77 -10.18 -5.13
CA PHE A 433 4.14 -10.06 -6.43
C PHE A 433 4.42 -11.29 -7.31
N GLU A 434 5.69 -11.55 -7.59
CA GLU A 434 6.02 -12.62 -8.52
C GLU A 434 5.56 -13.96 -7.99
N LEU A 435 5.96 -14.29 -6.77
CA LEU A 435 5.58 -15.54 -6.15
C LEU A 435 4.09 -15.82 -6.37
N LEU A 436 3.27 -14.80 -6.11
CA LEU A 436 1.83 -14.92 -6.32
C LEU A 436 1.51 -15.43 -7.70
N HIS A 437 2.19 -14.85 -8.70
CA HIS A 437 1.91 -15.19 -10.08
C HIS A 437 2.44 -16.61 -10.35
N TRP A 438 3.58 -16.97 -9.78
CA TRP A 438 4.10 -18.33 -9.93
C TRP A 438 3.09 -19.36 -9.45
N MET A 439 2.49 -19.10 -8.30
CA MET A 439 1.50 -20.00 -7.70
C MET A 439 0.16 -19.99 -8.43
N TYR A 440 -0.26 -18.82 -8.91
CA TYR A 440 -1.51 -18.74 -9.65
C TYR A 440 -1.46 -19.58 -10.93
N MET A 441 -0.33 -19.55 -11.62
CA MET A 441 -0.15 -20.33 -12.83
C MET A 441 -0.11 -21.82 -12.45
N ARG A 442 0.78 -22.16 -11.54
CA ARG A 442 0.91 -23.54 -11.09
C ARG A 442 -0.41 -24.15 -10.58
N ASN A 443 -1.14 -23.40 -9.76
CA ASN A 443 -2.27 -23.98 -9.02
C ASN A 443 -3.64 -23.76 -9.64
N VAL A 444 -3.74 -22.85 -10.59
CA VAL A 444 -5.05 -22.45 -11.07
C VAL A 444 -5.14 -22.65 -12.56
N LEU A 445 -4.24 -21.98 -13.26
CA LEU A 445 -4.27 -21.87 -14.70
C LEU A 445 -3.73 -23.13 -15.34
N LEU A 446 -2.57 -23.58 -14.86
CA LEU A 446 -1.93 -24.76 -15.41
C LEU A 446 -2.91 -25.91 -15.44
N GLU A 447 -3.79 -25.97 -14.43
CA GLU A 447 -4.84 -26.98 -14.38
C GLU A 447 -5.77 -26.88 -15.59
N LYS A 448 -6.47 -25.77 -15.67
CA LYS A 448 -7.50 -25.58 -16.68
C LYS A 448 -7.02 -25.85 -18.10
N ILE A 449 -5.83 -25.39 -18.42
CA ILE A 449 -5.29 -25.57 -19.76
C ILE A 449 -5.08 -27.04 -20.07
N THR A 450 -4.49 -27.76 -19.11
CA THR A 450 -4.26 -29.18 -19.26
C THR A 450 -5.57 -29.94 -19.47
N GLU A 451 -6.60 -29.58 -18.71
CA GLU A 451 -7.91 -30.22 -18.87
C GLU A 451 -8.35 -30.14 -20.33
N ALA A 452 -8.52 -28.92 -20.82
CA ALA A 452 -8.92 -28.69 -22.21
C ALA A 452 -8.04 -29.47 -23.20
N ASN A 453 -6.74 -29.45 -22.99
CA ASN A 453 -5.81 -30.20 -23.85
C ASN A 453 -6.04 -31.71 -23.85
N GLN A 454 -6.53 -32.25 -22.72
CA GLN A 454 -6.84 -33.66 -22.61
C GLN A 454 -8.20 -33.93 -23.22
N GLU A 455 -9.16 -33.04 -22.94
CA GLU A 455 -10.51 -33.14 -23.49
C GLU A 455 -10.50 -32.75 -24.96
N GLY A 456 -11.45 -31.89 -25.34
CA GLY A 456 -11.49 -31.37 -26.70
C GLY A 456 -10.13 -30.86 -27.12
N SER A 457 -9.88 -29.56 -26.97
CA SER A 457 -10.86 -28.59 -26.51
C SER A 457 -10.27 -27.19 -26.72
N ASP A 458 -10.85 -26.44 -27.65
CA ASP A 458 -10.43 -25.05 -27.87
C ASP A 458 -10.98 -24.17 -26.76
N MET A 459 -10.08 -23.44 -26.08
CA MET A 459 -10.47 -22.74 -24.86
C MET A 459 -11.32 -21.48 -25.11
N ARG A 460 -11.25 -20.96 -26.34
CA ARG A 460 -11.96 -19.74 -26.70
C ARG A 460 -13.49 -19.89 -26.67
N GLU A 461 -13.98 -21.02 -26.16
CA GLU A 461 -15.40 -21.35 -26.20
C GLU A 461 -16.16 -20.95 -24.94
N GLN A 462 -15.64 -21.33 -23.78
CA GLN A 462 -16.22 -20.91 -22.51
C GLN A 462 -15.11 -20.51 -21.55
N GLU A 463 -13.88 -20.48 -22.05
CA GLU A 463 -12.70 -20.22 -21.23
C GLU A 463 -11.70 -19.32 -21.94
N LYS A 464 -12.20 -18.36 -22.71
CA LYS A 464 -11.33 -17.47 -23.49
C LYS A 464 -10.53 -16.53 -22.56
N ASN A 465 -11.24 -15.88 -21.67
CA ASN A 465 -10.64 -15.06 -20.63
C ASN A 465 -9.44 -15.76 -19.98
N ILE A 466 -9.64 -17.02 -19.62
CA ILE A 466 -8.60 -17.83 -19.00
C ILE A 466 -7.40 -17.98 -19.92
N TRP A 467 -7.69 -18.36 -21.15
CA TRP A 467 -6.66 -18.48 -22.16
C TRP A 467 -5.81 -17.20 -22.29
N THR A 468 -6.45 -16.04 -22.48
CA THR A 468 -5.66 -14.82 -22.70
C THR A 468 -4.84 -14.47 -21.45
N ALA A 469 -5.46 -14.61 -20.29
CA ALA A 469 -4.74 -14.42 -19.02
C ALA A 469 -3.45 -15.23 -18.97
N SER A 470 -3.51 -16.49 -19.43
CA SER A 470 -2.35 -17.37 -19.43
C SER A 470 -1.26 -16.83 -20.34
N GLN A 471 -1.63 -16.47 -21.56
CA GLN A 471 -0.68 -15.95 -22.53
C GLN A 471 0.05 -14.74 -21.95
N ILE A 472 -0.72 -13.81 -21.42
CA ILE A 472 -0.16 -12.62 -20.79
C ILE A 472 0.78 -13.00 -19.63
N MET A 473 0.25 -13.77 -18.69
CA MET A 473 1.04 -14.17 -17.53
C MET A 473 2.35 -14.85 -17.91
N LYS A 474 2.32 -15.71 -18.93
CA LYS A 474 3.52 -16.45 -19.33
C LYS A 474 4.56 -15.52 -19.95
N ALA A 475 4.10 -14.64 -20.82
CA ALA A 475 5.01 -13.70 -21.45
C ALA A 475 5.79 -12.89 -20.41
N GLU A 476 5.09 -12.34 -19.42
CA GLU A 476 5.75 -11.62 -18.34
C GLU A 476 6.67 -12.53 -17.51
N MET A 477 6.17 -13.73 -17.20
CA MET A 477 6.93 -14.72 -16.43
C MET A 477 8.20 -15.17 -17.14
N GLU A 478 8.13 -15.30 -18.46
CA GLU A 478 9.31 -15.64 -19.25
C GLU A 478 10.34 -14.53 -19.12
N ARG A 479 9.89 -13.29 -19.03
CA ARG A 479 10.81 -12.17 -18.78
C ARG A 479 11.52 -12.31 -17.45
N TRP A 480 10.75 -12.59 -16.39
CA TRP A 480 11.32 -12.79 -15.06
C TRP A 480 12.32 -13.94 -15.06
N MET A 481 11.93 -15.05 -15.70
CA MET A 481 12.82 -16.21 -15.77
C MET A 481 14.08 -15.80 -16.48
N ASP A 482 13.90 -15.06 -17.56
CA ASP A 482 15.03 -14.58 -18.34
C ASP A 482 15.92 -13.75 -17.44
N ARG A 483 15.35 -12.71 -16.81
CA ARG A 483 16.12 -11.86 -15.93
C ARG A 483 16.84 -12.69 -14.86
N GLU A 484 16.08 -13.53 -14.15
CA GLU A 484 16.65 -14.35 -13.11
C GLU A 484 17.84 -15.13 -13.65
N LEU A 485 17.73 -15.60 -14.89
CA LEU A 485 18.79 -16.41 -15.49
C LEU A 485 19.97 -15.57 -16.01
N ARG A 486 19.67 -14.37 -16.53
CA ARG A 486 20.73 -13.54 -17.09
C ARG A 486 21.61 -12.95 -15.99
N LEU A 487 21.18 -13.05 -14.74
CA LEU A 487 21.92 -12.39 -13.67
C LEU A 487 21.48 -12.75 -12.25
N GLY A 488 21.15 -14.01 -12.02
CA GLY A 488 20.96 -14.51 -10.67
C GLY A 488 19.64 -14.25 -9.96
N PRO A 489 19.27 -15.16 -9.04
CA PRO A 489 18.07 -15.06 -8.19
C PRO A 489 18.25 -14.05 -7.07
N GLU A 490 17.13 -13.60 -6.51
CA GLU A 490 17.13 -12.63 -5.41
C GLU A 490 17.86 -13.23 -4.20
N LYS A 491 17.59 -12.69 -3.01
CA LYS A 491 18.16 -13.24 -1.79
C LYS A 491 17.86 -14.73 -1.67
N ASN A 492 18.04 -15.29 -0.48
CA ASN A 492 17.67 -16.68 -0.26
C ASN A 492 16.14 -16.83 -0.29
N ALA A 493 15.67 -18.00 -0.74
CA ALA A 493 14.24 -18.26 -0.86
C ALA A 493 13.61 -17.24 -1.82
N ILE A 494 12.30 -17.29 -2.06
CA ILE A 494 11.39 -18.31 -1.56
C ILE A 494 11.30 -19.47 -2.52
N LEU A 495 11.20 -19.15 -3.81
CA LEU A 495 11.11 -20.14 -4.87
C LEU A 495 12.44 -20.38 -5.53
N PRO A 496 12.91 -21.63 -5.54
CA PRO A 496 14.16 -21.99 -6.22
C PRO A 496 14.02 -21.83 -7.74
N THR A 497 15.12 -21.47 -8.39
CA THR A 497 15.13 -21.31 -9.84
C THR A 497 14.58 -22.55 -10.55
N ASP A 498 15.07 -23.73 -10.16
CA ASP A 498 14.70 -24.96 -10.84
C ASP A 498 13.21 -25.24 -10.74
N ASP A 499 12.58 -24.80 -9.66
CA ASP A 499 11.14 -24.97 -9.52
C ASP A 499 10.38 -24.02 -10.45
N LYS A 500 10.87 -22.79 -10.58
CA LYS A 500 10.29 -21.88 -11.56
C LYS A 500 10.37 -22.52 -12.94
N ASN A 501 11.53 -23.04 -13.29
CA ASN A 501 11.70 -23.63 -14.61
C ASN A 501 10.77 -24.81 -14.84
N LYS A 502 10.68 -25.67 -13.83
CA LYS A 502 9.80 -26.83 -13.92
C LYS A 502 8.33 -26.40 -14.09
N ILE A 503 7.96 -25.28 -13.47
CA ILE A 503 6.64 -24.71 -13.70
C ILE A 503 6.56 -24.24 -15.14
N MET A 504 7.59 -23.50 -15.56
CA MET A 504 7.65 -22.98 -16.92
C MET A 504 7.65 -24.08 -17.97
N ILE A 505 8.46 -25.12 -17.76
CA ILE A 505 8.52 -26.27 -18.67
C ILE A 505 7.11 -26.79 -18.90
N SER A 506 6.41 -27.03 -17.80
CA SER A 506 5.04 -27.47 -17.83
C SER A 506 4.12 -26.47 -18.57
N VAL A 507 4.32 -25.18 -18.32
CA VAL A 507 3.49 -24.15 -18.97
C VAL A 507 3.69 -24.09 -20.50
N ARG A 508 4.93 -24.00 -20.93
CA ARG A 508 5.22 -23.94 -22.36
C ARG A 508 4.56 -25.11 -23.10
N LYS A 509 4.71 -26.32 -22.56
CA LYS A 509 4.17 -27.53 -23.17
C LYS A 509 2.68 -27.41 -23.43
N GLN A 510 1.92 -27.11 -22.39
CA GLN A 510 0.46 -27.08 -22.49
C GLN A 510 -0.03 -25.91 -23.35
N ILE A 511 0.70 -24.81 -23.32
CA ILE A 511 0.35 -23.69 -24.17
C ILE A 511 0.67 -24.07 -25.61
N GLU A 512 1.91 -24.50 -25.83
CA GLU A 512 2.33 -25.02 -27.12
C GLU A 512 1.30 -26.01 -27.66
N ILE A 513 0.86 -26.92 -26.78
CA ILE A 513 -0.10 -27.95 -27.15
C ILE A 513 -1.50 -27.39 -27.45
N GLN A 514 -1.89 -26.35 -26.71
CA GLN A 514 -3.21 -25.76 -26.89
C GLN A 514 -3.30 -24.99 -28.21
N THR A 515 -2.23 -24.30 -28.58
CA THR A 515 -2.24 -23.55 -29.83
C THR A 515 -2.54 -24.47 -31.01
N LYS A 516 -2.03 -25.70 -30.96
CA LYS A 516 -2.34 -26.72 -31.96
C LYS A 516 -3.84 -26.93 -32.10
N ILE A 517 -4.49 -27.25 -30.99
CA ILE A 517 -5.94 -27.45 -30.98
C ILE A 517 -6.65 -26.32 -31.71
N GLN A 518 -6.03 -25.13 -31.69
CA GLN A 518 -6.62 -23.92 -32.27
C GLN A 518 -6.31 -23.77 -33.76
N ASN A 519 -5.88 -24.87 -34.36
CA ASN A 519 -5.60 -24.92 -35.79
C ASN A 519 -6.46 -26.01 -36.45
N ALA A 520 -7.44 -26.49 -35.68
CA ALA A 520 -8.57 -27.24 -36.20
C ALA A 520 -9.84 -26.41 -35.94
N LYS A 521 -10.53 -26.70 -34.84
CA LYS A 521 -11.70 -25.94 -34.40
C LYS A 521 -11.64 -24.48 -34.85
N ALA B 1 19.23 15.85 17.72
CA ALA B 1 19.66 14.69 18.50
C ALA B 1 20.80 13.94 17.83
N ARG B 2 21.77 13.53 18.63
CA ARG B 2 22.94 12.81 18.12
C ARG B 2 22.70 11.30 18.16
N THR B 3 22.62 10.70 16.97
CA THR B 3 22.33 9.27 16.84
C THR B 3 23.51 8.48 16.29
N M3L B 4 23.35 7.15 16.23
CA M3L B 4 24.41 6.29 15.74
CB M3L B 4 25.61 6.19 16.70
CG M3L B 4 25.50 4.97 17.65
CD M3L B 4 26.64 5.03 18.69
CE M3L B 4 26.58 3.79 19.60
NZ M3L B 4 27.80 3.66 20.42
C M3L B 4 23.90 4.92 15.30
O M3L B 4 22.88 4.47 15.69
CM1 M3L B 4 28.72 2.73 19.78
CM2 M3L B 4 27.42 3.15 21.73
CM3 M3L B 4 28.44 4.94 20.59
N GLN B 5 24.69 4.28 14.44
CA GLN B 5 24.31 3.06 13.75
C GLN B 5 25.52 2.13 13.68
N THR B 6 25.34 0.87 14.05
CA THR B 6 26.45 -0.08 14.03
C THR B 6 26.11 -1.32 13.21
N LYS C 23 8.85 11.27 -0.91
CA LYS C 23 10.07 10.68 -0.35
C LYS C 23 9.91 9.17 -0.05
N ALA C 24 9.00 8.85 0.87
CA ALA C 24 8.68 7.46 1.23
C ALA C 24 7.40 7.45 2.02
N ALA C 25 6.35 8.08 1.47
CA ALA C 25 5.11 8.33 2.19
C ALA C 25 3.93 7.76 1.41
N ARG C 26 3.74 6.45 1.52
CA ARG C 26 2.89 5.69 0.62
C ARG C 26 2.42 4.44 1.36
N MLY C 27 1.40 3.75 0.86
CA MLY C 27 0.88 2.56 1.53
CB MLY C 27 -0.33 1.78 0.81
CG MLY C 27 -1.76 1.83 1.53
CD MLY C 27 -2.77 0.70 1.00
CE MLY C 27 -4.31 0.95 1.31
NZ MLY C 27 -5.08 1.55 0.12
CH1 MLY C 27 -4.09 1.90 -0.96
CH2 MLY C 27 -6.01 0.51 -0.45
C MLY C 27 2.10 1.55 1.74
O MLY C 27 2.86 1.28 0.88
N SER C 28 2.18 1.07 2.98
CA SER C 28 3.31 0.27 3.44
C SER C 28 2.84 -1.11 3.90
N ALA C 29 3.42 -2.15 3.32
CA ALA C 29 2.94 -3.50 3.56
C ALA C 29 4.03 -4.55 3.36
N PRO C 30 4.87 -4.76 4.40
CA PRO C 30 5.99 -5.72 4.43
C PRO C 30 5.60 -7.13 3.96
N ALA C 31 6.55 -7.86 3.40
CA ALA C 31 6.23 -8.97 2.49
C ALA C 31 6.57 -10.42 2.87
N SER C 32 6.30 -10.86 4.10
CA SER C 32 5.77 -10.01 5.16
C SER C 32 6.93 -9.61 6.09
FE FE2 D . -3.55 4.97 -3.07
ZN ZN E . 19.60 -1.37 25.29
ZN ZN F . 20.23 11.07 30.64
C1 OGA G . -5.47 4.86 -1.25
C2 OGA G . -4.77 6.18 -0.87
C4 OGA G . -4.36 7.98 0.85
C5 OGA G . -5.05 8.72 1.99
O1 OGA G . -5.99 4.24 -0.36
O2 OGA G . -5.40 4.31 -2.55
O2' OGA G . -4.23 6.84 -1.69
O3 OGA G . -4.37 9.75 2.62
N1 OGA G . -4.89 6.68 0.49
O4 OGA G . -6.07 8.28 2.46
#